data_4JSY
#
_entry.id   4JSY
#
_cell.length_a   45.306
_cell.length_b   66.781
_cell.length_c   119.546
_cell.angle_alpha   90.00
_cell.angle_beta   90.00
_cell.angle_gamma   90.00
#
_symmetry.space_group_name_H-M   'P 21 21 21'
#
loop_
_entity.id
_entity.type
_entity.pdbx_description
1 polymer Metallophosphoesterase
2 non-polymer "GUANOSINE-5'-TRIPHOSPHATE"
3 non-polymer 'MAGNESIUM ION'
4 water water
#
_entity_poly.entity_id   1
_entity_poly.type   'polypeptide(L)'
_entity_poly.pdbx_seq_one_letter_code
;S(MSE)KLTIPELSLVVLIGSSGSGKSTFAKKHFKPTEVISSDFCRGL(MSE)SDDENDQTVTGAAFDVLHYIVSKRLQL
GKLTVVDATNVQESARKPLIEIAKDYHCFPVAVVFNLPEKVCQERNKNRTDRQVEEYVIRKHTQQ(MSE)KKSIKGLQRE
GFRYVYILNSPEEVEEVVFERQP
;
_entity_poly.pdbx_strand_id   A,B
#
loop_
_chem_comp.id
_chem_comp.type
_chem_comp.name
_chem_comp.formula
GTP non-polymer GUANOSINE-5'-TRIPHOSPHATE 'C10 H16 N5 O14 P3'
MG non-polymer 'MAGNESIUM ION' 'Mg 2'
#
# COMPACT_ATOMS: atom_id res chain seq x y z
N SER A 1 5.80 15.67 -3.77
CA SER A 1 4.89 15.35 -2.68
C SER A 1 4.44 13.90 -2.75
N MSE A 2 4.03 13.36 -1.60
CA MSE A 2 3.50 12.01 -1.56
C MSE A 2 1.98 12.07 -1.48
O MSE A 2 1.41 12.34 -0.43
CB MSE A 2 4.06 11.25 -0.36
CG MSE A 2 3.79 9.75 -0.42
SE MSE A 2 5.33 8.73 0.21
CE MSE A 2 6.72 9.83 -0.56
N LYS A 3 1.32 11.79 -2.59
CA LYS A 3 -0.14 11.89 -2.66
C LYS A 3 -0.79 10.60 -2.19
N LEU A 4 -1.55 10.71 -1.09
CA LEU A 4 -2.28 9.58 -0.55
C LEU A 4 -3.75 9.76 -0.85
N THR A 5 -4.33 8.79 -1.54
CA THR A 5 -5.71 8.90 -1.98
C THR A 5 -6.64 8.22 -0.98
N ILE A 6 -7.73 8.90 -0.61
CA ILE A 6 -8.74 8.29 0.25
C ILE A 6 -10.13 8.64 -0.24
N PRO A 7 -11.08 7.69 -0.17
CA PRO A 7 -12.44 8.07 -0.55
C PRO A 7 -13.06 8.99 0.50
N GLU A 8 -14.06 9.77 0.12
CA GLU A 8 -14.63 10.76 1.04
C GLU A 8 -15.30 10.07 2.23
N LEU A 9 -15.77 8.85 2.02
CA LEU A 9 -16.26 8.01 3.11
C LEU A 9 -15.15 7.06 3.53
N SER A 10 -14.25 7.52 4.39
CA SER A 10 -13.13 6.70 4.83
C SER A 10 -13.09 6.61 6.35
N LEU A 11 -12.59 5.49 6.85
CA LEU A 11 -12.13 5.41 8.23
C LEU A 11 -10.62 5.38 8.16
N VAL A 12 -9.99 6.50 8.50
CA VAL A 12 -8.55 6.61 8.41
C VAL A 12 -7.95 6.20 9.74
N VAL A 13 -7.20 5.10 9.73
CA VAL A 13 -6.60 4.60 10.95
C VAL A 13 -5.13 4.96 10.99
N LEU A 14 -4.75 5.79 11.96
CA LEU A 14 -3.36 6.19 12.10
C LEU A 14 -2.65 5.12 12.89
N ILE A 15 -1.47 4.71 12.43
CA ILE A 15 -0.77 3.62 13.06
C ILE A 15 0.65 4.03 13.35
N GLY A 16 1.01 4.02 14.62
CA GLY A 16 2.33 4.46 15.01
C GLY A 16 2.55 4.56 16.50
N SER A 17 3.80 4.33 16.87
CA SER A 17 4.25 4.46 18.24
C SER A 17 3.88 5.79 18.87
N SER A 18 3.82 5.82 20.18
CA SER A 18 3.76 7.08 20.90
C SER A 18 4.95 7.93 20.45
N GLY A 19 4.69 9.18 20.13
CA GLY A 19 5.75 10.08 19.67
C GLY A 19 6.04 10.05 18.18
N SER A 20 5.31 9.23 17.44
CA SER A 20 5.56 9.12 16.00
C SER A 20 4.98 10.29 15.23
N GLY A 21 4.14 11.09 15.89
CA GLY A 21 3.59 12.30 15.29
C GLY A 21 2.18 12.17 14.75
N LYS A 22 1.43 11.18 15.22
CA LYS A 22 0.07 10.95 14.74
C LYS A 22 -0.84 12.15 14.93
N SER A 23 -0.88 12.68 16.15
CA SER A 23 -1.79 13.79 16.46
C SER A 23 -1.39 15.05 15.72
N THR A 24 -0.08 15.29 15.65
CA THR A 24 0.44 16.41 14.86
C THR A 24 0.00 16.27 13.41
N PHE A 25 0.18 15.07 12.87
CA PHE A 25 -0.21 14.77 11.50
C PHE A 25 -1.71 14.99 11.30
N ALA A 26 -2.52 14.48 12.22
CA ALA A 26 -3.96 14.59 12.09
C ALA A 26 -4.41 16.05 12.07
N LYS A 27 -3.81 16.86 12.94
CA LYS A 27 -4.16 18.28 13.03
C LYS A 27 -3.81 19.01 11.74
N LYS A 28 -2.71 18.60 11.12
CA LYS A 28 -2.23 19.25 9.90
C LYS A 28 -3.10 18.93 8.69
N HIS A 29 -3.67 17.73 8.65
CA HIS A 29 -4.33 17.25 7.44
C HIS A 29 -5.85 17.17 7.49
N PHE A 30 -6.43 17.18 8.69
CA PHE A 30 -7.87 17.00 8.84
C PHE A 30 -8.51 18.04 9.72
N LYS A 31 -9.84 18.18 9.59
CA LYS A 31 -10.59 19.05 10.49
C LYS A 31 -10.61 18.43 11.88
N PRO A 32 -10.73 19.27 12.93
CA PRO A 32 -10.69 18.78 14.30
C PRO A 32 -11.79 17.77 14.62
N THR A 33 -12.99 17.97 14.05
CA THR A 33 -14.12 17.09 14.36
C THR A 33 -14.04 15.75 13.63
N GLU A 34 -13.21 15.68 12.60
CA GLU A 34 -12.96 14.42 11.89
C GLU A 34 -12.03 13.51 12.68
N VAL A 35 -11.31 14.10 13.64
CA VAL A 35 -10.31 13.34 14.38
C VAL A 35 -10.82 12.94 15.77
N ILE A 36 -10.76 11.64 16.06
CA ILE A 36 -11.16 11.11 17.35
C ILE A 36 -9.93 10.46 17.98
N SER A 37 -9.42 11.04 19.06
CA SER A 37 -8.25 10.47 19.69
C SER A 37 -8.60 9.69 20.94
N SER A 38 -7.81 8.67 21.24
CA SER A 38 -7.99 7.88 22.44
C SER A 38 -7.83 8.77 23.67
N ASP A 39 -6.97 9.78 23.55
CA ASP A 39 -6.70 10.73 24.64
CA ASP A 39 -6.71 10.69 24.66
C ASP A 39 -7.93 11.56 24.97
N PHE A 40 -8.64 11.97 23.92
CA PHE A 40 -9.87 12.72 24.09
C PHE A 40 -10.92 11.90 24.84
N CYS A 41 -11.10 10.65 24.43
CA CYS A 41 -12.12 9.79 25.04
C CYS A 41 -11.77 9.47 26.48
N ARG A 42 -10.48 9.39 26.76
CA ARG A 42 -10.01 9.17 28.11
C ARG A 42 -10.38 10.38 28.98
N GLY A 43 -10.29 11.57 28.38
CA GLY A 43 -10.60 12.80 29.07
C GLY A 43 -12.08 12.92 29.41
N LEU A 44 -12.92 12.25 28.64
CA LEU A 44 -14.35 12.21 28.93
C LEU A 44 -14.64 11.38 30.17
N MSE A 45 -13.74 10.45 30.47
CA MSE A 45 -13.92 9.55 31.60
C MSE A 45 -13.26 10.08 32.87
O MSE A 45 -13.67 9.76 33.97
CB MSE A 45 -13.36 8.17 31.27
CG MSE A 45 -14.01 7.51 30.06
SE MSE A 45 -15.92 7.22 30.34
CE MSE A 45 -16.66 8.57 29.12
N SER A 46 -12.22 10.89 32.70
CA SER A 46 -11.45 11.36 33.85
C SER A 46 -10.79 12.70 33.59
N ASP A 47 -10.88 13.60 34.57
CA ASP A 47 -10.24 14.89 34.46
C ASP A 47 -8.73 14.80 34.66
N ASP A 48 -8.27 13.68 35.21
CA ASP A 48 -6.83 13.44 35.33
C ASP A 48 -6.24 13.20 33.94
N GLU A 49 -5.02 13.68 33.73
CA GLU A 49 -4.38 13.59 32.42
C GLU A 49 -3.86 12.19 32.14
N ASN A 50 -4.25 11.65 30.98
CA ASN A 50 -3.83 10.32 30.53
C ASN A 50 -4.08 9.23 31.58
N ASP A 51 -5.19 9.35 32.30
CA ASP A 51 -5.62 8.39 33.31
C ASP A 51 -5.59 6.97 32.75
N GLN A 52 -4.78 6.11 33.34
CA GLN A 52 -4.63 4.74 32.85
C GLN A 52 -5.67 3.79 33.43
N THR A 53 -6.47 4.29 34.38
CA THR A 53 -7.45 3.43 35.06
C THR A 53 -8.77 3.32 34.27
N VAL A 54 -8.90 4.13 33.23
CA VAL A 54 -10.14 4.18 32.45
C VAL A 54 -9.94 3.78 30.98
N THR A 55 -8.86 3.06 30.71
CA THR A 55 -8.47 2.72 29.34
C THR A 55 -9.55 1.95 28.58
N GLY A 56 -10.08 0.90 29.20
CA GLY A 56 -11.13 0.09 28.60
C GLY A 56 -12.35 0.93 28.24
N ALA A 57 -12.80 1.73 29.18
CA ALA A 57 -13.94 2.60 28.94
C ALA A 57 -13.66 3.62 27.83
N ALA A 58 -12.46 4.20 27.86
CA ALA A 58 -12.05 5.19 26.86
C ALA A 58 -12.12 4.65 25.44
N PHE A 59 -11.64 3.43 25.25
CA PHE A 59 -11.67 2.84 23.91
C PHE A 59 -13.06 2.38 23.50
N ASP A 60 -13.89 2.01 24.49
CA ASP A 60 -15.29 1.71 24.21
C ASP A 60 -15.98 2.96 23.66
N VAL A 61 -15.73 4.09 24.30
CA VAL A 61 -16.32 5.35 23.88
C VAL A 61 -15.81 5.75 22.50
N LEU A 62 -14.53 5.51 22.25
CA LEU A 62 -13.94 5.81 20.94
C LEU A 62 -14.63 5.02 19.84
N HIS A 63 -14.80 3.71 20.08
CA HIS A 63 -15.48 2.85 19.13
C HIS A 63 -16.90 3.31 18.86
N TYR A 64 -17.58 3.74 19.91
CA TYR A 64 -18.96 4.16 19.79
C TYR A 64 -19.07 5.44 18.97
N ILE A 65 -18.24 6.43 19.29
CA ILE A 65 -18.23 7.70 18.56
C ILE A 65 -17.87 7.48 17.09
N VAL A 66 -16.86 6.66 16.83
CA VAL A 66 -16.47 6.35 15.46
C VAL A 66 -17.63 5.73 14.67
N SER A 67 -18.29 4.75 15.27
CA SER A 67 -19.37 4.06 14.57
C SER A 67 -20.55 5.00 14.31
N LYS A 68 -20.83 5.92 15.24
CA LYS A 68 -21.89 6.89 15.03
C LYS A 68 -21.55 7.90 13.91
N ARG A 69 -20.30 8.34 13.84
CA ARG A 69 -19.86 9.20 12.74
C ARG A 69 -19.97 8.50 11.37
N LEU A 70 -19.49 7.26 11.29
CA LEU A 70 -19.57 6.50 10.04
C LEU A 70 -21.02 6.28 9.65
N GLN A 71 -21.86 6.06 10.66
CA GLN A 71 -23.30 5.89 10.46
C GLN A 71 -23.90 7.11 9.77
N LEU A 72 -23.41 8.29 10.13
CA LEU A 72 -23.88 9.53 9.51
C LEU A 72 -23.12 9.81 8.21
N GLY A 73 -22.24 8.90 7.83
CA GLY A 73 -21.46 9.05 6.60
C GLY A 73 -20.35 10.08 6.67
N LYS A 74 -19.76 10.25 7.84
CA LYS A 74 -18.71 11.25 8.03
C LYS A 74 -17.33 10.63 8.12
N LEU A 75 -16.41 11.10 7.27
CA LEU A 75 -15.03 10.66 7.30
C LEU A 75 -14.47 10.82 8.71
N THR A 76 -13.76 9.81 9.19
CA THR A 76 -13.26 9.83 10.55
C THR A 76 -11.83 9.34 10.58
N VAL A 77 -11.00 10.03 11.36
CA VAL A 77 -9.63 9.61 11.57
C VAL A 77 -9.50 9.11 13.01
N VAL A 78 -8.98 7.89 13.16
CA VAL A 78 -8.78 7.33 14.49
C VAL A 78 -7.34 7.60 14.89
N ASP A 79 -7.19 8.47 15.89
CA ASP A 79 -5.87 8.88 16.35
C ASP A 79 -5.55 8.17 17.65
N ALA A 80 -5.00 6.97 17.50
CA ALA A 80 -4.56 6.16 18.62
C ALA A 80 -3.35 5.40 18.12
N THR A 81 -2.68 4.66 18.98
CA THR A 81 -1.46 3.96 18.57
C THR A 81 -1.77 2.92 17.50
N ASN A 82 -2.79 2.09 17.74
CA ASN A 82 -3.27 1.13 16.75
C ASN A 82 -2.19 0.16 16.26
N VAL A 83 -1.21 -0.12 17.12
CA VAL A 83 -0.11 -1.00 16.77
C VAL A 83 -0.43 -2.45 17.08
N GLN A 84 -1.54 -2.67 17.77
CA GLN A 84 -2.00 -4.02 18.05
C GLN A 84 -3.16 -4.40 17.16
N GLU A 85 -3.13 -5.63 16.65
CA GLU A 85 -4.18 -6.12 15.78
C GLU A 85 -5.54 -6.05 16.48
N SER A 86 -5.55 -6.36 17.78
CA SER A 86 -6.77 -6.34 18.57
C SER A 86 -7.38 -4.94 18.66
N ALA A 87 -6.55 -3.92 18.51
CA ALA A 87 -7.01 -2.54 18.49
C ALA A 87 -7.52 -2.16 17.11
N ARG A 88 -6.96 -2.76 16.07
CA ARG A 88 -7.32 -2.41 14.70
C ARG A 88 -8.55 -3.15 14.24
N LYS A 89 -8.67 -4.42 14.64
CA LYS A 89 -9.78 -5.27 14.19
C LYS A 89 -11.18 -4.67 14.38
N PRO A 90 -11.48 -4.10 15.58
CA PRO A 90 -12.84 -3.56 15.67
C PRO A 90 -13.06 -2.36 14.75
N LEU A 91 -12.00 -1.60 14.47
CA LEU A 91 -12.12 -0.47 13.55
C LEU A 91 -12.48 -0.95 12.16
N ILE A 92 -11.83 -2.05 11.74
CA ILE A 92 -12.11 -2.64 10.43
C ILE A 92 -13.53 -3.15 10.35
N GLU A 93 -13.98 -3.82 11.40
CA GLU A 93 -15.35 -4.34 11.46
C GLU A 93 -16.38 -3.22 11.46
N ILE A 94 -16.10 -2.14 12.16
CA ILE A 94 -16.99 -0.98 12.19
C ILE A 94 -17.08 -0.40 10.77
N ALA A 95 -15.93 -0.22 10.12
CA ALA A 95 -15.89 0.27 8.76
C ALA A 95 -16.73 -0.60 7.82
N LYS A 96 -16.57 -1.92 7.92
CA LYS A 96 -17.34 -2.87 7.10
CA LYS A 96 -17.34 -2.82 7.06
C LYS A 96 -18.84 -2.69 7.28
N ASP A 97 -19.28 -2.62 8.53
CA ASP A 97 -20.70 -2.50 8.84
C ASP A 97 -21.31 -1.22 8.30
N TYR A 98 -20.51 -0.18 8.14
CA TYR A 98 -21.03 1.08 7.62
C TYR A 98 -20.60 1.34 6.19
N HIS A 99 -20.18 0.27 5.50
CA HIS A 99 -19.78 0.31 4.10
C HIS A 99 -18.77 1.41 3.82
N CYS A 100 -17.77 1.49 4.68
CA CYS A 100 -16.73 2.50 4.57
CA CYS A 100 -16.73 2.49 4.64
C CYS A 100 -15.40 1.84 4.28
N PHE A 101 -14.54 2.53 3.54
CA PHE A 101 -13.22 2.00 3.26
C PHE A 101 -12.28 2.31 4.42
N PRO A 102 -11.73 1.25 5.05
CA PRO A 102 -10.69 1.48 6.05
C PRO A 102 -9.33 1.71 5.37
N VAL A 103 -8.65 2.77 5.80
CA VAL A 103 -7.37 3.17 5.26
C VAL A 103 -6.34 3.14 6.38
N ALA A 104 -5.17 2.57 6.11
CA ALA A 104 -4.11 2.56 7.09
C ALA A 104 -3.02 3.56 6.70
N VAL A 105 -2.68 4.44 7.63
CA VAL A 105 -1.55 5.34 7.45
C VAL A 105 -0.54 4.99 8.52
N VAL A 106 0.56 4.38 8.10
CA VAL A 106 1.53 3.85 9.05
C VAL A 106 2.74 4.74 9.19
N PHE A 107 3.00 5.13 10.44
CA PHE A 107 4.18 5.93 10.76
C PHE A 107 5.35 5.03 11.06
N ASN A 108 5.99 4.55 10.00
CA ASN A 108 7.09 3.62 10.09
C ASN A 108 8.41 4.35 10.26
N LEU A 109 8.53 5.05 11.38
CA LEU A 109 9.72 5.81 11.71
C LEU A 109 10.64 4.98 12.59
N PRO A 110 11.95 5.22 12.49
CA PRO A 110 12.89 4.57 13.41
C PRO A 110 12.50 4.87 14.86
N GLU A 111 12.72 3.89 15.74
CA GLU A 111 12.43 4.04 17.15
C GLU A 111 13.07 5.30 17.72
N LYS A 112 14.30 5.58 17.31
CA LYS A 112 15.03 6.69 17.89
C LYS A 112 14.38 8.04 17.59
N VAL A 113 13.72 8.17 16.44
CA VAL A 113 12.99 9.40 16.15
C VAL A 113 11.87 9.63 17.17
N CYS A 114 11.11 8.58 17.47
CA CYS A 114 10.02 8.66 18.45
C CYS A 114 10.57 8.87 19.85
N GLN A 115 11.63 8.13 20.20
CA GLN A 115 12.26 8.30 21.50
C GLN A 115 12.71 9.73 21.68
N GLU A 116 13.30 10.30 20.63
CA GLU A 116 13.84 11.64 20.70
C GLU A 116 12.75 12.70 20.83
N ARG A 117 11.70 12.57 20.03
CA ARG A 117 10.56 13.49 20.12
C ARG A 117 9.87 13.40 21.49
N ASN A 118 9.81 12.18 22.02
CA ASN A 118 9.16 11.96 23.30
C ASN A 118 9.75 12.81 24.42
N LYS A 119 11.08 12.83 24.51
CA LYS A 119 11.77 13.53 25.58
C LYS A 119 11.59 15.05 25.50
N ASN A 120 11.13 15.53 24.36
CA ASN A 120 10.91 16.95 24.18
C ASN A 120 9.43 17.36 24.15
N ARG A 121 8.54 16.42 24.47
CA ARG A 121 7.11 16.73 24.54
C ARG A 121 6.77 17.58 25.77
N THR A 122 5.85 18.52 25.57
CA THR A 122 5.41 19.40 26.64
C THR A 122 4.10 18.92 27.26
N ASP A 123 3.31 18.18 26.48
CA ASP A 123 2.00 17.72 26.96
C ASP A 123 2.11 16.54 27.92
N ARG A 124 2.75 15.46 27.48
CA ARG A 124 2.96 14.27 28.29
C ARG A 124 4.02 13.41 27.64
N GLN A 125 4.66 12.56 28.44
CA GLN A 125 5.72 11.70 27.94
C GLN A 125 5.52 10.29 28.46
N VAL A 126 6.04 9.32 27.72
CA VAL A 126 6.01 7.94 28.17
C VAL A 126 7.44 7.44 28.42
N GLU A 127 7.56 6.31 29.11
CA GLU A 127 8.85 5.71 29.35
C GLU A 127 9.41 5.06 28.08
N GLU A 128 10.73 4.89 28.02
CA GLU A 128 11.39 4.42 26.81
C GLU A 128 10.92 3.06 26.34
N TYR A 129 10.65 2.18 27.29
CA TYR A 129 10.22 0.82 26.96
C TYR A 129 8.88 0.79 26.23
N VAL A 130 8.04 1.79 26.49
CA VAL A 130 6.74 1.86 25.84
C VAL A 130 6.93 2.08 24.33
N ILE A 131 7.81 3.02 23.98
CA ILE A 131 8.06 3.35 22.59
C ILE A 131 8.81 2.24 21.85
N ARG A 132 9.72 1.57 22.56
CA ARG A 132 10.39 0.40 22.00
C ARG A 132 9.36 -0.68 21.65
N LYS A 133 8.44 -0.92 22.57
CA LYS A 133 7.39 -1.92 22.37
C LYS A 133 6.49 -1.53 21.20
N HIS A 134 6.00 -0.29 21.23
CA HIS A 134 5.13 0.21 20.15
C HIS A 134 5.76 0.03 18.78
N THR A 135 7.04 0.35 18.68
CA THR A 135 7.75 0.29 17.40
C THR A 135 7.86 -1.15 16.91
N GLN A 136 8.16 -2.07 17.81
CA GLN A 136 8.24 -3.48 17.45
C GLN A 136 6.88 -3.95 16.98
N GLN A 137 5.83 -3.53 17.67
CA GLN A 137 4.48 -3.91 17.32
C GLN A 137 4.07 -3.35 15.96
N MSE A 138 4.42 -2.09 15.72
CA MSE A 138 4.14 -1.42 14.46
C MSE A 138 4.82 -2.14 13.29
O MSE A 138 4.17 -2.44 12.28
CB MSE A 138 4.59 0.04 14.53
CG MSE A 138 4.34 0.85 13.25
SE MSE A 138 5.79 0.71 11.96
CE MSE A 138 7.25 1.40 13.06
N LYS A 139 6.11 -2.42 13.43
CA LYS A 139 6.85 -3.07 12.35
C LYS A 139 6.33 -4.47 12.06
N LYS A 140 5.92 -5.19 13.10
CA LYS A 140 5.33 -6.52 12.93
C LYS A 140 3.99 -6.43 12.22
N SER A 141 3.33 -5.28 12.33
CA SER A 141 1.97 -5.12 11.81
C SER A 141 1.94 -4.86 10.31
N ILE A 142 3.00 -4.27 9.78
CA ILE A 142 2.98 -3.74 8.42
C ILE A 142 2.57 -4.74 7.34
N LYS A 143 3.24 -5.90 7.31
CA LYS A 143 3.02 -6.87 6.25
C LYS A 143 1.56 -7.32 6.12
N GLY A 144 0.89 -7.50 7.26
CA GLY A 144 -0.44 -8.08 7.26
C GLY A 144 -1.61 -7.11 7.16
N LEU A 145 -1.34 -5.82 7.03
CA LEU A 145 -2.41 -4.83 7.06
C LEU A 145 -3.45 -4.99 5.94
N GLN A 146 -2.98 -5.18 4.70
CA GLN A 146 -3.89 -5.34 3.58
C GLN A 146 -4.81 -6.55 3.82
N ARG A 147 -4.20 -7.64 4.29
CA ARG A 147 -4.96 -8.86 4.58
C ARG A 147 -5.95 -8.65 5.72
N GLU A 148 -5.63 -7.77 6.67
CA GLU A 148 -6.53 -7.48 7.78
C GLU A 148 -7.82 -6.84 7.30
N GLY A 149 -7.78 -6.21 6.13
CA GLY A 149 -8.98 -5.61 5.59
C GLY A 149 -8.82 -4.15 5.23
N PHE A 150 -7.62 -3.61 5.41
CA PHE A 150 -7.36 -2.25 4.96
C PHE A 150 -7.33 -2.22 3.42
N ARG A 151 -8.18 -1.40 2.83
CA ARG A 151 -8.28 -1.28 1.38
C ARG A 151 -7.09 -0.55 0.77
N TYR A 152 -6.62 0.47 1.48
CA TYR A 152 -5.44 1.22 1.07
C TYR A 152 -4.47 1.20 2.22
N VAL A 153 -3.21 0.89 1.93
CA VAL A 153 -2.18 0.89 2.96
C VAL A 153 -1.06 1.82 2.56
N TYR A 154 -0.88 2.89 3.34
CA TYR A 154 0.16 3.88 3.07
C TYR A 154 1.21 3.84 4.16
N ILE A 155 2.43 3.46 3.79
CA ILE A 155 3.52 3.41 4.73
C ILE A 155 4.43 4.61 4.54
N LEU A 156 4.61 5.37 5.62
CA LEU A 156 5.52 6.51 5.61
C LEU A 156 6.79 6.09 6.34
N ASN A 157 7.94 6.17 5.66
CA ASN A 157 9.16 5.56 6.16
C ASN A 157 10.19 6.51 6.75
N SER A 158 9.86 7.80 6.79
CA SER A 158 10.77 8.80 7.33
C SER A 158 10.01 10.08 7.58
N PRO A 159 10.54 10.94 8.47
CA PRO A 159 9.89 12.23 8.75
C PRO A 159 9.71 13.06 7.49
N GLU A 160 10.68 12.99 6.57
CA GLU A 160 10.59 13.68 5.29
C GLU A 160 9.36 13.24 4.48
N GLU A 161 9.12 11.93 4.41
CA GLU A 161 7.95 11.43 3.69
C GLU A 161 6.65 11.83 4.40
N VAL A 162 6.66 11.80 5.73
CA VAL A 162 5.51 12.24 6.50
C VAL A 162 5.20 13.70 6.16
N GLU A 163 6.26 14.51 6.10
CA GLU A 163 6.17 15.92 5.72
C GLU A 163 5.57 16.16 4.34
N GLU A 164 5.96 15.33 3.37
CA GLU A 164 5.55 15.52 1.98
C GLU A 164 4.12 15.09 1.72
N VAL A 165 3.51 14.39 2.67
CA VAL A 165 2.16 13.86 2.50
C VAL A 165 1.14 14.93 2.11
N VAL A 166 0.39 14.65 1.05
CA VAL A 166 -0.82 15.41 0.77
C VAL A 166 -1.93 14.41 0.50
N PHE A 167 -3.10 14.65 1.08
CA PHE A 167 -4.24 13.77 0.86
C PHE A 167 -5.04 14.23 -0.34
N GLU A 168 -5.51 13.28 -1.14
CA GLU A 168 -6.45 13.60 -2.19
C GLU A 168 -7.75 12.82 -1.96
N ARG A 169 -8.80 13.53 -1.57
CA ARG A 169 -10.08 12.88 -1.29
C ARG A 169 -10.87 12.71 -2.58
N GLN A 170 -11.40 11.51 -2.80
CA GLN A 170 -12.17 11.23 -4.00
C GLN A 170 -13.64 10.96 -3.66
N PRO A 171 -14.49 11.98 -3.82
CA PRO A 171 -15.93 11.89 -3.55
C PRO A 171 -16.71 11.73 -4.85
N SER B 1 -11.86 -12.92 0.02
CA SER B 1 -11.34 -12.28 -1.18
C SER B 1 -10.55 -11.03 -0.83
N MSE B 2 -9.51 -10.75 -1.61
CA MSE B 2 -8.72 -9.54 -1.42
C MSE B 2 -9.08 -8.51 -2.49
O MSE B 2 -8.73 -8.67 -3.66
CB MSE B 2 -7.23 -9.86 -1.50
CG MSE B 2 -6.32 -8.63 -1.36
SE MSE B 2 -4.79 -8.97 -0.20
CE MSE B 2 -5.64 -10.30 0.89
N LYS B 3 -9.79 -7.47 -2.10
CA LYS B 3 -10.25 -6.47 -3.07
C LYS B 3 -9.20 -5.38 -3.31
N LEU B 4 -8.72 -5.31 -4.54
CA LEU B 4 -7.76 -4.28 -4.92
C LEU B 4 -8.47 -3.23 -5.75
N THR B 5 -8.44 -2.00 -5.28
CA THR B 5 -9.11 -0.91 -5.95
C THR B 5 -8.16 -0.28 -6.96
N ILE B 6 -8.63 -0.13 -8.19
CA ILE B 6 -7.86 0.59 -9.20
C ILE B 6 -8.75 1.55 -9.98
N PRO B 7 -8.21 2.72 -10.31
CA PRO B 7 -8.98 3.67 -11.12
C PRO B 7 -9.24 3.09 -12.51
N GLU B 8 -10.34 3.52 -13.12
CA GLU B 8 -10.72 3.06 -14.45
C GLU B 8 -9.61 3.35 -15.45
N LEU B 9 -8.89 4.44 -15.22
CA LEU B 9 -7.73 4.77 -16.02
C LEU B 9 -6.45 4.63 -15.18
N SER B 10 -5.84 3.45 -15.26
CA SER B 10 -4.63 3.17 -14.48
C SER B 10 -3.54 2.61 -15.38
N LEU B 11 -2.31 2.70 -14.90
CA LEU B 11 -1.24 1.89 -15.44
C LEU B 11 -0.93 0.87 -14.35
N VAL B 12 -1.31 -0.38 -14.60
CA VAL B 12 -1.08 -1.44 -13.62
C VAL B 12 0.26 -2.10 -13.92
N VAL B 13 1.20 -1.92 -13.00
CA VAL B 13 2.53 -2.48 -13.19
C VAL B 13 2.67 -3.75 -12.39
N LEU B 14 2.80 -4.87 -13.09
CA LEU B 14 3.02 -6.15 -12.44
C LEU B 14 4.50 -6.25 -12.10
N ILE B 15 4.79 -6.63 -10.85
CA ILE B 15 6.15 -6.71 -10.37
C ILE B 15 6.38 -8.08 -9.76
N GLY B 16 7.26 -8.86 -10.37
CA GLY B 16 7.53 -10.19 -9.87
C GLY B 16 8.54 -10.93 -10.71
N SER B 17 9.24 -11.85 -10.05
CA SER B 17 10.17 -12.73 -10.70
C SER B 17 9.53 -13.53 -11.85
N SER B 18 10.37 -13.99 -12.76
CA SER B 18 9.93 -14.97 -13.74
C SER B 18 9.35 -16.15 -12.95
N GLY B 19 8.23 -16.68 -13.44
CA GLY B 19 7.58 -17.80 -12.77
C GLY B 19 6.65 -17.43 -11.64
N SER B 20 6.57 -16.14 -11.29
CA SER B 20 5.73 -15.71 -10.18
C SER B 20 4.25 -15.68 -10.54
N GLY B 21 3.95 -15.80 -11.83
CA GLY B 21 2.58 -15.95 -12.28
C GLY B 21 1.98 -14.67 -12.83
N LYS B 22 2.82 -13.74 -13.28
CA LYS B 22 2.37 -12.47 -13.81
C LYS B 22 1.41 -12.61 -14.99
N SER B 23 1.85 -13.35 -16.01
CA SER B 23 1.07 -13.46 -17.24
C SER B 23 -0.24 -14.21 -17.01
N THR B 24 -0.19 -15.25 -16.20
CA THR B 24 -1.37 -15.99 -15.79
C THR B 24 -2.35 -15.09 -15.08
N PHE B 25 -1.83 -14.28 -14.16
CA PHE B 25 -2.62 -13.33 -13.40
C PHE B 25 -3.25 -12.33 -14.36
N ALA B 26 -2.44 -11.75 -15.23
CA ALA B 26 -2.89 -10.76 -16.21
C ALA B 26 -4.01 -11.30 -17.10
N LYS B 27 -3.88 -12.55 -17.52
CA LYS B 27 -4.89 -13.20 -18.35
C LYS B 27 -6.20 -13.43 -17.58
N LYS B 28 -6.09 -13.82 -16.32
CA LYS B 28 -7.26 -14.07 -15.49
C LYS B 28 -8.07 -12.80 -15.21
N HIS B 29 -7.38 -11.69 -15.01
CA HIS B 29 -8.03 -10.46 -14.53
C HIS B 29 -8.28 -9.38 -15.57
N PHE B 30 -7.56 -9.41 -16.68
CA PHE B 30 -7.64 -8.31 -17.65
C PHE B 30 -7.92 -8.79 -19.07
N LYS B 31 -8.39 -7.87 -19.92
CA LYS B 31 -8.60 -8.17 -21.33
C LYS B 31 -7.25 -8.29 -22.03
N PRO B 32 -7.15 -9.21 -23.01
CA PRO B 32 -5.91 -9.44 -23.73
C PRO B 32 -5.27 -8.17 -24.29
N THR B 33 -6.07 -7.22 -24.74
CA THR B 33 -5.52 -6.02 -25.37
C THR B 33 -5.02 -5.02 -24.33
N GLU B 34 -5.49 -5.17 -23.10
CA GLU B 34 -5.07 -4.32 -21.99
C GLU B 34 -3.67 -4.68 -21.51
N VAL B 35 -3.22 -5.87 -21.88
CA VAL B 35 -1.94 -6.38 -21.40
C VAL B 35 -0.84 -6.24 -22.45
N ILE B 36 0.23 -5.51 -22.09
CA ILE B 36 1.40 -5.42 -22.95
C ILE B 36 2.58 -6.08 -22.26
N SER B 37 3.12 -7.13 -22.85
CA SER B 37 4.19 -7.87 -22.19
C SER B 37 5.52 -7.62 -22.86
N SER B 38 6.59 -7.77 -22.08
CA SER B 38 7.93 -7.66 -22.63
C SER B 38 8.21 -8.77 -23.66
N ASP B 39 7.66 -9.96 -23.44
CA ASP B 39 7.82 -11.08 -24.39
C ASP B 39 7.24 -10.72 -25.75
N PHE B 40 6.05 -10.13 -25.73
CA PHE B 40 5.42 -9.67 -26.95
C PHE B 40 6.30 -8.64 -27.66
N CYS B 41 6.78 -7.65 -26.91
CA CYS B 41 7.57 -6.58 -27.53
C CYS B 41 8.90 -7.07 -28.09
N ARG B 42 9.53 -8.03 -27.40
CA ARG B 42 10.73 -8.68 -27.92
C ARG B 42 10.45 -9.44 -29.21
N GLY B 43 9.29 -10.08 -29.27
CA GLY B 43 8.88 -10.80 -30.46
C GLY B 43 8.69 -9.90 -31.67
N LEU B 44 8.40 -8.63 -31.42
CA LEU B 44 8.23 -7.67 -32.51
C LEU B 44 9.58 -7.37 -33.15
N MSE B 45 10.64 -7.58 -32.39
CA MSE B 45 11.99 -7.24 -32.81
C MSE B 45 12.74 -8.43 -33.40
O MSE B 45 13.59 -8.28 -34.27
CB MSE B 45 12.77 -6.66 -31.63
CG MSE B 45 12.18 -5.37 -31.07
SE MSE B 45 12.27 -3.91 -32.36
CE MSE B 45 10.40 -3.83 -32.90
N SER B 46 12.41 -9.64 -32.92
CA SER B 46 13.14 -10.83 -33.32
C SER B 46 12.34 -12.09 -33.07
N ASP B 47 12.25 -12.95 -34.08
CA ASP B 47 11.61 -14.26 -33.92
C ASP B 47 12.50 -15.20 -33.09
N ASP B 48 13.77 -14.83 -32.95
CA ASP B 48 14.71 -15.56 -32.12
C ASP B 48 14.46 -15.20 -30.65
N GLU B 49 13.90 -16.16 -29.90
CA GLU B 49 13.51 -15.93 -28.51
C GLU B 49 14.68 -15.56 -27.61
N ASN B 50 15.86 -16.07 -27.95
CA ASN B 50 17.03 -15.94 -27.08
C ASN B 50 17.99 -14.82 -27.50
N ASP B 51 17.48 -13.85 -28.26
CA ASP B 51 18.31 -12.73 -28.70
C ASP B 51 18.33 -11.62 -27.66
N GLN B 52 19.53 -11.27 -27.19
CA GLN B 52 19.69 -10.33 -26.09
C GLN B 52 19.91 -8.89 -26.55
N THR B 53 20.38 -8.73 -27.78
CA THR B 53 20.62 -7.40 -28.34
C THR B 53 19.32 -6.65 -28.58
N VAL B 54 18.22 -7.39 -28.54
CA VAL B 54 16.89 -6.87 -28.82
C VAL B 54 16.25 -6.17 -27.61
N THR B 55 16.71 -6.51 -26.40
CA THR B 55 16.06 -6.07 -25.17
C THR B 55 15.89 -4.55 -25.03
N GLY B 56 16.91 -3.79 -25.41
CA GLY B 56 16.85 -2.34 -25.36
C GLY B 56 15.76 -1.78 -26.27
N ALA B 57 15.73 -2.23 -27.51
CA ALA B 57 14.74 -1.74 -28.46
C ALA B 57 13.36 -2.16 -27.99
N ALA B 58 13.28 -3.36 -27.44
CA ALA B 58 12.01 -3.92 -26.98
C ALA B 58 11.42 -3.14 -25.79
N PHE B 59 12.28 -2.63 -24.91
CA PHE B 59 11.83 -1.78 -23.82
C PHE B 59 11.29 -0.47 -24.38
N ASP B 60 11.99 0.09 -25.37
CA ASP B 60 11.53 1.34 -25.99
C ASP B 60 10.17 1.14 -26.62
N VAL B 61 9.99 0.02 -27.30
CA VAL B 61 8.73 -0.28 -27.97
C VAL B 61 7.60 -0.45 -26.94
N LEU B 62 7.90 -1.15 -25.85
CA LEU B 62 6.91 -1.33 -24.78
CA LEU B 62 6.93 -1.34 -24.77
C LEU B 62 6.49 0.00 -24.19
N HIS B 63 7.46 0.84 -23.83
CA HIS B 63 7.17 2.15 -23.27
C HIS B 63 6.30 2.99 -24.18
N TYR B 64 6.58 2.90 -25.48
CA TYR B 64 5.86 3.72 -26.45
C TYR B 64 4.43 3.22 -26.64
N ILE B 65 4.25 1.90 -26.71
CA ILE B 65 2.91 1.34 -26.83
C ILE B 65 2.07 1.69 -25.59
N VAL B 66 2.67 1.57 -24.42
CA VAL B 66 2.01 1.98 -23.18
C VAL B 66 1.63 3.46 -23.21
N SER B 67 2.54 4.31 -23.67
CA SER B 67 2.29 5.75 -23.72
C SER B 67 1.09 6.09 -24.59
N LYS B 68 1.00 5.45 -25.75
CA LYS B 68 -0.07 5.76 -26.68
C LYS B 68 -1.40 5.24 -26.17
N ARG B 69 -1.40 4.05 -25.59
CA ARG B 69 -2.62 3.52 -24.95
C ARG B 69 -3.13 4.43 -23.83
N LEU B 70 -2.23 4.82 -22.94
CA LEU B 70 -2.59 5.70 -21.83
C LEU B 70 -3.05 7.05 -22.37
N GLN B 71 -2.38 7.55 -23.40
CA GLN B 71 -2.77 8.79 -24.05
C GLN B 71 -4.20 8.71 -24.58
N LEU B 72 -4.58 7.53 -25.04
CA LEU B 72 -5.94 7.29 -25.51
C LEU B 72 -6.91 7.04 -24.35
N GLY B 73 -6.39 7.07 -23.13
CA GLY B 73 -7.20 6.88 -21.94
C GLY B 73 -7.58 5.44 -21.73
N LYS B 74 -6.68 4.52 -22.08
CA LYS B 74 -7.01 3.10 -21.98
C LYS B 74 -6.18 2.41 -20.92
N LEU B 75 -6.85 1.81 -19.94
CA LEU B 75 -6.18 1.11 -18.86
C LEU B 75 -5.18 0.12 -19.45
N THR B 76 -3.97 0.11 -18.91
CA THR B 76 -2.94 -0.75 -19.45
C THR B 76 -2.23 -1.50 -18.35
N VAL B 77 -1.95 -2.77 -18.61
CA VAL B 77 -1.18 -3.60 -17.69
C VAL B 77 0.17 -3.91 -18.31
N VAL B 78 1.24 -3.60 -17.58
CA VAL B 78 2.58 -3.93 -18.03
C VAL B 78 2.95 -5.28 -17.43
N ASP B 79 3.02 -6.28 -18.29
CA ASP B 79 3.36 -7.62 -17.87
C ASP B 79 4.83 -7.84 -18.19
N ALA B 80 5.68 -7.44 -17.26
CA ALA B 80 7.12 -7.65 -17.33
C ALA B 80 7.56 -7.81 -15.90
N THR B 81 8.80 -8.27 -15.70
CA THR B 81 9.32 -8.51 -14.35
C THR B 81 9.29 -7.25 -13.49
N ASN B 82 9.77 -6.14 -14.06
CA ASN B 82 9.73 -4.85 -13.39
C ASN B 82 10.37 -4.80 -12.00
N VAL B 83 11.32 -5.70 -11.75
CA VAL B 83 11.96 -5.79 -10.45
C VAL B 83 13.11 -4.81 -10.26
N GLN B 84 13.51 -4.13 -11.33
CA GLN B 84 14.53 -3.10 -11.23
C GLN B 84 13.91 -1.70 -11.27
N GLU B 85 14.42 -0.81 -10.43
CA GLU B 85 13.94 0.56 -10.35
C GLU B 85 14.04 1.26 -11.70
N SER B 86 15.10 0.97 -12.44
CA SER B 86 15.32 1.58 -13.74
C SER B 86 14.26 1.16 -14.75
N ALA B 87 13.60 0.03 -14.51
CA ALA B 87 12.53 -0.40 -15.38
C ALA B 87 11.22 0.28 -14.98
N ARG B 88 11.06 0.55 -13.70
CA ARG B 88 9.81 1.13 -13.20
C ARG B 88 9.74 2.63 -13.43
N LYS B 89 10.89 3.29 -13.32
CA LYS B 89 10.97 4.74 -13.41
C LYS B 89 10.34 5.33 -14.68
N PRO B 90 10.69 4.81 -15.87
CA PRO B 90 10.03 5.41 -17.03
C PRO B 90 8.52 5.10 -17.09
N LEU B 91 8.08 4.00 -16.50
CA LEU B 91 6.66 3.66 -16.48
C LEU B 91 5.89 4.66 -15.64
N ILE B 92 6.47 5.02 -14.49
CA ILE B 92 5.85 5.99 -13.60
C ILE B 92 5.80 7.34 -14.28
N GLU B 93 6.88 7.70 -14.96
CA GLU B 93 6.95 8.96 -15.68
C GLU B 93 5.86 8.99 -16.74
N ILE B 94 5.66 7.87 -17.42
CA ILE B 94 4.62 7.79 -18.44
C ILE B 94 3.25 8.01 -17.82
N ALA B 95 2.98 7.34 -16.71
CA ALA B 95 1.69 7.46 -16.04
C ALA B 95 1.40 8.90 -15.66
N LYS B 96 2.37 9.58 -15.07
CA LYS B 96 2.25 10.98 -14.71
C LYS B 96 2.00 11.87 -15.93
N ASP B 97 2.69 11.58 -17.03
CA ASP B 97 2.59 12.39 -18.25
C ASP B 97 1.18 12.41 -18.83
N TYR B 98 0.48 11.29 -18.73
CA TYR B 98 -0.88 11.20 -19.24
C TYR B 98 -1.88 11.16 -18.11
N HIS B 99 -1.47 11.70 -16.97
CA HIS B 99 -2.31 11.86 -15.79
C HIS B 99 -3.08 10.61 -15.40
N CYS B 100 -2.37 9.48 -15.37
CA CYS B 100 -2.92 8.20 -14.94
C CYS B 100 -2.33 7.83 -13.60
N PHE B 101 -3.04 7.00 -12.83
CA PHE B 101 -2.51 6.45 -11.59
C PHE B 101 -1.64 5.24 -11.87
N PRO B 102 -0.35 5.31 -11.53
CA PRO B 102 0.44 4.08 -11.57
C PRO B 102 0.13 3.22 -10.36
N VAL B 103 -0.22 1.96 -10.61
CA VAL B 103 -0.55 1.01 -9.56
C VAL B 103 0.47 -0.13 -9.57
N ALA B 104 1.01 -0.46 -8.41
CA ALA B 104 1.96 -1.55 -8.30
C ALA B 104 1.27 -2.79 -7.76
N VAL B 105 1.38 -3.90 -8.48
CA VAL B 105 0.89 -5.18 -7.98
C VAL B 105 2.07 -6.11 -7.86
N VAL B 106 2.47 -6.39 -6.62
CA VAL B 106 3.70 -7.12 -6.36
C VAL B 106 3.46 -8.57 -5.99
N PHE B 107 4.11 -9.45 -6.72
CA PHE B 107 4.02 -10.88 -6.47
C PHE B 107 5.13 -11.29 -5.50
N ASN B 108 4.90 -10.99 -4.23
CA ASN B 108 5.87 -11.23 -3.20
C ASN B 108 5.82 -12.68 -2.74
N LEU B 109 6.17 -13.58 -3.65
CA LEU B 109 6.15 -15.01 -3.40
C LEU B 109 7.56 -15.48 -3.07
N PRO B 110 7.69 -16.56 -2.30
CA PRO B 110 9.02 -17.10 -2.01
C PRO B 110 9.70 -17.56 -3.29
N GLU B 111 11.03 -17.52 -3.31
CA GLU B 111 11.79 -17.93 -4.50
C GLU B 111 11.49 -19.37 -4.92
N LYS B 112 11.25 -20.24 -3.94
CA LYS B 112 11.01 -21.66 -4.23
C LYS B 112 9.72 -21.89 -5.01
N VAL B 113 8.70 -21.08 -4.74
CA VAL B 113 7.45 -21.17 -5.49
C VAL B 113 7.71 -20.84 -6.96
N CYS B 114 8.49 -19.79 -7.20
CA CYS B 114 8.79 -19.38 -8.58
C CYS B 114 9.69 -20.38 -9.29
N GLN B 115 10.68 -20.91 -8.57
CA GLN B 115 11.58 -21.90 -9.13
C GLN B 115 10.83 -23.16 -9.57
N GLU B 116 9.89 -23.59 -8.73
CA GLU B 116 9.13 -24.82 -9.00
C GLU B 116 8.18 -24.69 -10.19
N ARG B 117 7.52 -23.53 -10.29
CA ARG B 117 6.67 -23.26 -11.44
C ARG B 117 7.50 -23.24 -12.73
N ASN B 118 8.65 -22.59 -12.66
CA ASN B 118 9.59 -22.50 -13.78
C ASN B 118 10.01 -23.87 -14.28
N LYS B 119 10.35 -24.76 -13.34
CA LYS B 119 10.73 -26.12 -13.68
C LYS B 119 9.60 -26.87 -14.37
N ASN B 120 8.37 -26.51 -14.03
CA ASN B 120 7.20 -27.21 -14.54
C ASN B 120 6.57 -26.57 -15.77
N ARG B 121 7.11 -25.42 -16.19
CA ARG B 121 6.60 -24.72 -17.36
C ARG B 121 6.86 -25.52 -18.62
N THR B 122 5.89 -25.51 -19.54
CA THR B 122 6.03 -26.19 -20.82
C THR B 122 6.15 -25.22 -21.99
N ASP B 123 5.98 -23.93 -21.73
CA ASP B 123 6.01 -22.92 -22.78
C ASP B 123 7.42 -22.38 -23.03
N ARG B 124 8.10 -21.99 -21.96
CA ARG B 124 9.48 -21.52 -22.02
C ARG B 124 10.02 -21.45 -20.60
N GLN B 125 11.32 -21.64 -20.44
CA GLN B 125 11.91 -21.65 -19.12
C GLN B 125 13.05 -20.67 -19.02
N VAL B 126 13.38 -20.26 -17.80
CA VAL B 126 14.59 -19.48 -17.57
C VAL B 126 15.52 -20.30 -16.68
N GLU B 127 16.76 -19.85 -16.58
CA GLU B 127 17.72 -20.53 -15.71
C GLU B 127 17.46 -20.12 -14.28
N GLU B 128 17.82 -21.02 -13.36
CA GLU B 128 17.55 -20.79 -11.94
C GLU B 128 18.16 -19.49 -11.41
N TYR B 129 19.34 -19.12 -11.90
CA TYR B 129 19.99 -17.91 -11.41
C TYR B 129 19.16 -16.65 -11.73
N VAL B 130 18.40 -16.70 -12.81
CA VAL B 130 17.58 -15.56 -13.20
C VAL B 130 16.50 -15.30 -12.15
N ILE B 131 15.83 -16.37 -11.73
CA ILE B 131 14.77 -16.27 -10.73
C ILE B 131 15.31 -15.92 -9.35
N ARG B 132 16.48 -16.45 -9.01
CA ARG B 132 17.18 -16.06 -7.79
C ARG B 132 17.41 -14.55 -7.75
N LYS B 133 17.94 -14.02 -8.85
CA LYS B 133 18.23 -12.59 -8.93
C LYS B 133 16.95 -11.77 -8.90
N HIS B 134 15.97 -12.15 -9.71
CA HIS B 134 14.69 -11.45 -9.75
C HIS B 134 14.08 -11.33 -8.37
N THR B 135 14.05 -12.44 -7.63
CA THR B 135 13.40 -12.45 -6.32
C THR B 135 14.09 -11.52 -5.32
N GLN B 136 15.42 -11.50 -5.32
CA GLN B 136 16.17 -10.57 -4.48
C GLN B 136 15.85 -9.13 -4.84
N GLN B 137 15.82 -8.83 -6.13
CA GLN B 137 15.48 -7.51 -6.62
C GLN B 137 14.05 -7.10 -6.25
N MSE B 138 13.11 -8.03 -6.39
CA MSE B 138 11.72 -7.79 -6.02
C MSE B 138 11.63 -7.42 -4.54
O MSE B 138 11.02 -6.41 -4.18
CB MSE B 138 10.86 -9.02 -6.34
CG MSE B 138 9.38 -8.88 -5.99
SE MSE B 138 9.02 -9.29 -4.11
CE MSE B 138 9.62 -11.14 -4.06
N LYS B 139 12.23 -8.23 -3.69
CA LYS B 139 12.22 -7.98 -2.25
C LYS B 139 12.76 -6.60 -1.88
N LYS B 140 13.87 -6.20 -2.52
CA LYS B 140 14.49 -4.91 -2.23
C LYS B 140 13.67 -3.75 -2.77
N SER B 141 12.75 -4.03 -3.68
CA SER B 141 11.96 -2.97 -4.29
C SER B 141 10.75 -2.55 -3.46
N ILE B 142 10.24 -3.47 -2.65
CA ILE B 142 8.93 -3.28 -2.02
C ILE B 142 8.83 -1.99 -1.19
N LYS B 143 9.74 -1.80 -0.25
CA LYS B 143 9.70 -0.65 0.66
C LYS B 143 9.56 0.69 -0.07
N GLY B 144 10.23 0.82 -1.21
CA GLY B 144 10.35 2.10 -1.86
C GLY B 144 9.31 2.43 -2.92
N LEU B 145 8.39 1.50 -3.17
CA LEU B 145 7.48 1.65 -4.30
C LEU B 145 6.60 2.89 -4.21
N GLN B 146 6.04 3.15 -3.04
CA GLN B 146 5.18 4.32 -2.84
C GLN B 146 5.96 5.60 -3.15
N ARG B 147 7.17 5.70 -2.61
CA ARG B 147 8.03 6.85 -2.83
C ARG B 147 8.46 6.98 -4.31
N GLU B 148 8.59 5.85 -5.01
CA GLU B 148 8.90 5.91 -6.44
C GLU B 148 7.82 6.63 -7.23
N GLY B 149 6.61 6.65 -6.71
CA GLY B 149 5.51 7.35 -7.36
C GLY B 149 4.28 6.50 -7.61
N PHE B 150 4.32 5.24 -7.18
CA PHE B 150 3.12 4.40 -7.25
C PHE B 150 2.05 4.93 -6.30
N ARG B 151 0.86 5.19 -6.83
CA ARG B 151 -0.23 5.76 -6.03
C ARG B 151 -0.91 4.73 -5.14
N TYR B 152 -1.05 3.50 -5.64
CA TYR B 152 -1.51 2.37 -4.86
C TYR B 152 -0.48 1.26 -4.94
N VAL B 153 -0.12 0.70 -3.79
CA VAL B 153 0.83 -0.39 -3.76
C VAL B 153 0.16 -1.60 -3.13
N TYR B 154 0.06 -2.68 -3.90
CA TYR B 154 -0.63 -3.89 -3.46
C TYR B 154 0.37 -5.04 -3.43
N ILE B 155 0.66 -5.53 -2.23
CA ILE B 155 1.60 -6.63 -2.07
C ILE B 155 0.87 -7.93 -1.84
N LEU B 156 1.06 -8.87 -2.75
CA LEU B 156 0.46 -10.19 -2.64
C LEU B 156 1.52 -11.11 -2.04
N ASN B 157 1.25 -11.63 -0.85
CA ASN B 157 2.28 -12.29 -0.04
C ASN B 157 2.31 -13.81 -0.13
N SER B 158 1.41 -14.38 -0.91
CA SER B 158 1.32 -15.84 -1.03
C SER B 158 0.47 -16.20 -2.24
N PRO B 159 0.56 -17.45 -2.73
CA PRO B 159 -0.27 -17.87 -3.86
C PRO B 159 -1.75 -17.75 -3.56
N GLU B 160 -2.13 -17.98 -2.30
CA GLU B 160 -3.53 -17.92 -1.89
C GLU B 160 -4.05 -16.48 -1.90
N GLU B 161 -3.22 -15.53 -1.50
CA GLU B 161 -3.57 -14.13 -1.60
C GLU B 161 -3.72 -13.71 -3.07
N VAL B 162 -2.81 -14.15 -3.93
CA VAL B 162 -2.89 -13.91 -5.35
C VAL B 162 -4.22 -14.42 -5.90
N GLU B 163 -4.50 -15.69 -5.61
CA GLU B 163 -5.72 -16.35 -6.06
C GLU B 163 -7.00 -15.68 -5.56
N GLU B 164 -6.90 -14.97 -4.45
CA GLU B 164 -8.08 -14.33 -3.84
C GLU B 164 -8.37 -12.94 -4.38
N VAL B 165 -7.46 -12.41 -5.21
CA VAL B 165 -7.60 -11.05 -5.70
C VAL B 165 -8.86 -10.86 -6.54
N VAL B 166 -9.58 -9.77 -6.28
CA VAL B 166 -10.58 -9.28 -7.21
C VAL B 166 -10.36 -7.79 -7.39
N PHE B 167 -10.26 -7.34 -8.63
CA PHE B 167 -10.09 -5.92 -8.87
C PHE B 167 -11.44 -5.20 -8.83
N GLU B 168 -11.43 -4.02 -8.20
CA GLU B 168 -12.59 -3.15 -8.21
C GLU B 168 -12.21 -1.87 -8.96
N ARG B 169 -12.77 -1.68 -10.15
CA ARG B 169 -12.47 -0.49 -10.94
C ARG B 169 -13.50 0.61 -10.68
N GLN B 170 -13.66 0.98 -9.42
CA GLN B 170 -14.62 2.01 -9.07
C GLN B 170 -14.16 3.41 -9.52
N PRO B 171 -13.00 3.90 -9.01
CA PRO B 171 -12.63 5.25 -9.45
C PRO B 171 -12.13 5.26 -10.89
PG GTP C . 0.82 9.66 21.23
O1G GTP C . -0.37 10.58 21.23
O2G GTP C . 1.58 9.60 22.52
O3G GTP C . 0.53 8.31 20.62
O3B GTP C . 1.90 10.39 20.26
PB GTP C . 1.60 10.99 18.79
O1B GTP C . 0.27 11.70 18.77
O2B GTP C . 1.93 9.94 17.76
O3A GTP C . 2.77 12.09 18.64
PA GTP C . 2.52 13.68 18.67
O1A GTP C . 1.97 14.03 20.03
O2A GTP C . 1.76 14.12 17.44
O5' GTP C . 4.04 14.20 18.56
C5' GTP C . 4.99 14.00 19.61
C4' GTP C . 6.06 15.08 19.57
O4' GTP C . 6.76 15.07 18.32
C3' GTP C . 5.42 16.45 19.69
O3' GTP C . 6.26 17.26 20.52
C2' GTP C . 5.43 17.02 18.29
O2' GTP C . 5.56 18.44 18.33
C1' GTP C . 6.64 16.34 17.66
N9 GTP C . 6.43 16.17 16.21
C8 GTP C . 5.39 15.53 15.65
N7 GTP C . 5.47 15.57 14.29
C5 GTP C . 6.58 16.25 13.96
C6 GTP C . 7.25 16.64 12.69
O6 GTP C . 6.75 16.33 11.59
N1 GTP C . 8.39 17.34 12.78
C2 GTP C . 8.93 17.69 13.97
N2 GTP C . 10.08 18.39 13.99
N3 GTP C . 8.36 17.36 15.17
C4 GTP C . 7.21 16.65 15.23
MG MG D . -1.36 11.74 20.08
PG GTP E . 7.78 -14.69 -16.97
O1G GTP E . 8.90 -15.67 -17.23
O2G GTP E . 6.92 -14.42 -18.18
O3G GTP E . 8.20 -13.44 -16.24
O3B GTP E . 6.83 -15.53 -15.94
PB GTP E . 5.36 -15.10 -15.40
O1B GTP E . 5.51 -14.35 -14.10
O2B GTP E . 4.54 -14.52 -16.52
O3A GTP E . 4.76 -16.54 -15.01
PA GTP E . 3.58 -17.31 -15.79
O1A GTP E . 4.07 -17.66 -17.18
O2A GTP E . 2.27 -16.58 -15.61
O5' GTP E . 3.52 -18.64 -14.91
C5' GTP E . 4.57 -19.60 -14.99
C4' GTP E . 4.02 -20.99 -14.65
O4' GTP E . 3.49 -20.96 -13.32
C3' GTP E . 2.90 -21.37 -15.59
O3' GTP E . 3.19 -22.65 -16.14
C2' GTP E . 1.66 -21.48 -14.73
O2' GTP E . 0.97 -22.70 -15.00
C1' GTP E . 2.17 -21.47 -13.31
N9 GTP E . 1.30 -20.58 -12.52
C8 GTP E . 1.22 -19.24 -12.65
N7 GTP E . 0.32 -18.71 -11.80
C5 GTP E . -0.21 -19.74 -11.11
C6 GTP E . -1.23 -19.88 -10.04
O6 GTP E . -1.82 -18.89 -9.58
N1 GTP E . -1.49 -21.13 -9.59
C2 GTP E . -0.86 -22.22 -10.08
N2 GTP E . -1.18 -23.44 -9.58
N3 GTP E . 0.08 -22.16 -11.05
C4 GTP E . 0.44 -20.96 -11.59
MG MG F . 5.04 -14.04 -18.39
#